data_4MSJ
#
_entry.id   4MSJ
#
_cell.length_a   54.799
_cell.length_b   58.066
_cell.length_c   187.500
_cell.angle_alpha   90.00
_cell.angle_beta   90.00
_cell.angle_gamma   90.00
#
_symmetry.space_group_name_H-M   'P 21 21 21'
#
loop_
_entity.id
_entity.type
_entity.pdbx_description
1 polymer 'AMSH-like protease sst2'
2 non-polymer 1,2-ETHANEDIOL
3 non-polymer 'PHOSPHATE ION'
4 non-polymer GLYCINE
5 non-polymer 'ZINC ION'
6 water water
#
_entity_poly.entity_id   1
_entity_poly.type   'polypeptide(L)'
_entity_poly.pdbx_seq_one_letter_code
;GPLGSMAGTFKIHAYTEGGKPLRTIYLPKLLKKVFLDVVKPNTKKNLETCGILCGKLRQNAFFITHLVIPLQEATSDTCG
TTDEASLFEFQDKHNLLTLGWIHTHPTQTCFMSSVDLHTHCSYQLMLPEAIAIVMAPSKNTSGIFRLLDPEGLQTIVKCR
KPGLFHPHEGKVYTMVAQPGHVREINSKLQVVDLRVK
;
_entity_poly.pdbx_strand_id   A,B,C
#
# COMPACT_ATOMS: atom_id res chain seq x y z
N MET A 6 -20.52 0.43 -47.48
CA MET A 6 -21.90 0.22 -47.08
C MET A 6 -22.18 0.84 -45.71
N ALA A 7 -23.31 0.43 -45.12
CA ALA A 7 -23.75 0.95 -43.84
C ALA A 7 -22.76 0.61 -42.74
N GLY A 8 -22.49 1.58 -41.87
CA GLY A 8 -21.58 1.35 -40.75
C GLY A 8 -20.12 1.28 -41.12
N THR A 9 -19.79 1.79 -42.31
CA THR A 9 -18.38 1.85 -42.73
C THR A 9 -17.93 3.31 -42.76
N PHE A 10 -16.62 3.53 -42.79
CA PHE A 10 -16.05 4.88 -42.80
C PHE A 10 -14.58 4.83 -43.21
N LYS A 11 -14.05 5.94 -43.72
CA LYS A 11 -12.62 6.04 -44.02
C LYS A 11 -11.96 6.65 -42.79
N ILE A 12 -10.75 6.21 -42.48
CA ILE A 12 -9.99 6.80 -41.36
C ILE A 12 -8.71 7.44 -41.88
N HIS A 13 -8.42 8.65 -41.41
CA HIS A 13 -7.05 9.13 -41.50
C HIS A 13 -6.59 9.32 -40.06
N ALA A 14 -5.58 8.53 -39.66
CA ALA A 14 -5.04 8.56 -38.29
C ALA A 14 -3.71 9.31 -38.28
N TYR A 15 -3.52 10.18 -37.30
CA TYR A 15 -2.30 10.96 -37.24
C TYR A 15 -1.64 10.82 -35.87
N THR A 16 -0.31 10.80 -35.85
CA THR A 16 0.42 10.98 -34.60
C THR A 16 0.27 12.39 -34.03
N GLU A 17 0.73 12.57 -32.80
CA GLU A 17 0.71 13.88 -32.15
C GLU A 17 1.51 14.90 -32.98
N GLY A 18 2.49 14.40 -33.73
CA GLY A 18 3.34 15.25 -34.55
C GLY A 18 2.77 15.49 -35.94
N GLY A 19 1.60 14.91 -36.22
CA GLY A 19 0.98 15.08 -37.53
C GLY A 19 1.36 14.06 -38.61
N LYS A 20 2.04 12.98 -38.22
CA LYS A 20 2.40 11.94 -39.18
C LYS A 20 1.25 10.95 -39.41
N PRO A 21 0.93 10.67 -40.68
CA PRO A 21 -0.13 9.70 -40.99
C PRO A 21 0.26 8.28 -40.55
N LEU A 22 -0.68 7.57 -39.95
CA LEU A 22 -0.48 6.20 -39.51
C LEU A 22 -1.28 5.21 -40.38
N ARG A 23 -0.58 4.19 -40.89
CA ARG A 23 -1.21 3.12 -41.65
C ARG A 23 -2.02 2.23 -40.73
N THR A 24 -3.00 1.53 -41.30
CA THR A 24 -3.87 0.66 -40.54
C THR A 24 -3.17 -0.66 -40.19
N ILE A 25 -3.40 -1.12 -38.96
CA ILE A 25 -3.05 -2.49 -38.55
C ILE A 25 -4.34 -3.29 -38.36
N TYR A 26 -4.43 -4.40 -39.08
CA TYR A 26 -5.58 -5.30 -38.93
C TYR A 26 -5.26 -6.38 -37.92
N LEU A 27 -6.07 -6.42 -36.87
CA LEU A 27 -5.88 -7.34 -35.75
C LEU A 27 -6.96 -8.43 -35.76
N PRO A 28 -6.55 -9.71 -35.85
CA PRO A 28 -7.55 -10.80 -35.77
C PRO A 28 -8.41 -10.70 -34.50
N LYS A 29 -9.73 -10.83 -34.63
CA LYS A 29 -10.65 -10.75 -33.49
C LYS A 29 -10.31 -11.80 -32.43
N LEU A 30 -9.79 -12.93 -32.90
CA LEU A 30 -9.46 -14.07 -32.03
C LEU A 30 -8.22 -13.84 -31.18
N LEU A 31 -7.37 -12.90 -31.55
CA LEU A 31 -6.00 -12.90 -30.97
C LEU A 31 -5.95 -12.76 -29.45
N LYS A 32 -6.70 -11.81 -28.90
CA LYS A 32 -6.64 -11.58 -27.45
C LYS A 32 -6.99 -12.83 -26.67
N LYS A 33 -8.10 -13.47 -27.02
CA LYS A 33 -8.58 -14.63 -26.27
C LYS A 33 -7.67 -15.84 -26.48
N VAL A 34 -7.19 -16.02 -27.71
CA VAL A 34 -6.25 -17.12 -27.99
C VAL A 34 -4.98 -16.94 -27.18
N PHE A 35 -4.48 -15.70 -27.10
CA PHE A 35 -3.28 -15.43 -26.32
C PHE A 35 -3.52 -15.81 -24.84
N LEU A 36 -4.66 -15.42 -24.29
CA LEU A 36 -4.93 -15.74 -22.88
C LEU A 36 -5.00 -17.26 -22.70
N ASP A 37 -5.60 -17.97 -23.66
CA ASP A 37 -5.65 -19.43 -23.61
C ASP A 37 -4.25 -20.05 -23.57
N VAL A 38 -3.38 -19.62 -24.49
CA VAL A 38 -2.02 -20.16 -24.59
C VAL A 38 -1.19 -19.91 -23.32
N VAL A 39 -1.29 -18.71 -22.75
CA VAL A 39 -0.38 -18.40 -21.66
C VAL A 39 -1.00 -18.61 -20.27
N LYS A 40 -2.19 -19.19 -20.23
CA LYS A 40 -2.91 -19.45 -18.99
C LYS A 40 -2.10 -20.09 -17.84
N PRO A 41 -1.25 -21.09 -18.14
CA PRO A 41 -0.48 -21.67 -17.04
C PRO A 41 0.34 -20.64 -16.25
N ASN A 42 0.97 -19.70 -16.94
CA ASN A 42 1.67 -18.61 -16.25
C ASN A 42 0.70 -17.66 -15.54
N THR A 43 -0.39 -17.33 -16.22
CA THR A 43 -1.35 -16.40 -15.62
C THR A 43 -1.89 -16.92 -14.28
N LYS A 44 -2.12 -18.23 -14.20
CA LYS A 44 -2.64 -18.84 -12.97
C LYS A 44 -1.60 -18.79 -11.85
N LYS A 45 -0.33 -18.60 -12.21
CA LYS A 45 0.76 -18.51 -11.23
C LYS A 45 1.11 -17.07 -10.91
N ASN A 46 0.28 -16.14 -11.39
CA ASN A 46 0.55 -14.71 -11.31
C ASN A 46 1.87 -14.29 -11.98
N LEU A 47 2.18 -14.91 -13.11
CA LEU A 47 3.40 -14.60 -13.86
C LEU A 47 2.99 -14.02 -15.21
N GLU A 48 3.64 -12.94 -15.61
CA GLU A 48 3.39 -12.29 -16.92
C GLU A 48 3.95 -13.14 -18.06
N THR A 49 3.33 -13.04 -19.25
CA THR A 49 3.89 -13.65 -20.45
C THR A 49 3.70 -12.62 -21.56
N CYS A 50 4.63 -12.59 -22.52
CA CYS A 50 4.42 -11.76 -23.70
C CYS A 50 4.35 -12.55 -24.99
N GLY A 51 3.78 -11.91 -26.02
CA GLY A 51 3.85 -12.46 -27.37
C GLY A 51 4.15 -11.33 -28.32
N ILE A 52 4.73 -11.64 -29.48
CA ILE A 52 5.07 -10.58 -30.42
C ILE A 52 4.00 -10.63 -31.51
N LEU A 53 3.52 -9.47 -31.96
CA LEU A 53 2.52 -9.46 -33.02
C LEU A 53 3.27 -9.33 -34.36
N CYS A 54 3.22 -10.36 -35.17
CA CYS A 54 3.99 -10.40 -36.41
C CYS A 54 3.08 -10.44 -37.62
N GLY A 55 3.56 -9.90 -38.73
CA GLY A 55 2.75 -9.94 -39.95
C GLY A 55 3.39 -9.37 -41.20
N LYS A 56 2.53 -8.90 -42.10
CA LYS A 56 2.99 -8.41 -43.40
C LYS A 56 2.30 -7.10 -43.78
N LEU A 57 2.95 -6.38 -44.70
CA LEU A 57 2.43 -5.12 -45.23
C LEU A 57 1.87 -5.40 -46.61
N ARG A 58 0.58 -5.14 -46.78
CA ARG A 58 -0.07 -5.39 -48.07
C ARG A 58 -0.98 -4.23 -48.38
N GLN A 59 -0.83 -3.67 -49.58
CA GLN A 59 -1.63 -2.51 -50.00
C GLN A 59 -1.73 -1.40 -48.94
N ASN A 60 -0.57 -0.95 -48.49
CA ASN A 60 -0.44 0.16 -47.56
C ASN A 60 -1.04 -0.10 -46.18
N ALA A 61 -1.30 -1.37 -45.84
CA ALA A 61 -1.83 -1.72 -44.51
C ALA A 61 -1.12 -2.95 -43.94
N PHE A 62 -1.04 -3.02 -42.61
CA PHE A 62 -0.38 -4.16 -41.96
C PHE A 62 -1.43 -5.17 -41.53
N PHE A 63 -1.10 -6.46 -41.68
CA PHE A 63 -1.98 -7.54 -41.25
C PHE A 63 -1.22 -8.39 -40.25
N ILE A 64 -1.72 -8.48 -39.03
CA ILE A 64 -1.14 -9.39 -38.05
C ILE A 64 -1.58 -10.82 -38.40
N THR A 65 -0.61 -11.72 -38.56
CA THR A 65 -0.89 -13.08 -38.98
C THR A 65 -0.35 -14.09 -38.00
N HIS A 66 0.68 -13.70 -37.25
CA HIS A 66 1.34 -14.66 -36.36
C HIS A 66 1.59 -14.03 -35.01
N LEU A 67 1.20 -14.75 -33.96
CA LEU A 67 1.44 -14.36 -32.59
C LEU A 67 2.60 -15.24 -32.15
N VAL A 68 3.76 -14.64 -31.90
CA VAL A 68 4.97 -15.43 -31.67
C VAL A 68 5.35 -15.32 -30.19
N ILE A 69 5.43 -16.45 -29.50
CA ILE A 69 5.80 -16.42 -28.08
C ILE A 69 7.29 -16.76 -27.97
N PRO A 70 8.12 -15.76 -27.62
CA PRO A 70 9.58 -15.95 -27.57
C PRO A 70 10.04 -16.52 -26.25
N LEU A 71 11.28 -17.00 -26.21
CA LEU A 71 11.92 -17.32 -24.93
C LEU A 71 11.99 -16.05 -24.10
N GLN A 72 11.60 -16.16 -22.83
CA GLN A 72 11.42 -14.98 -22.01
C GLN A 72 11.56 -15.36 -20.54
N GLU A 73 11.79 -14.35 -19.70
CA GLU A 73 11.88 -14.60 -18.26
C GLU A 73 10.61 -14.18 -17.53
N ALA A 74 9.84 -15.16 -17.08
CA ALA A 74 8.57 -14.86 -16.42
C ALA A 74 8.77 -14.40 -14.97
N THR A 75 8.26 -13.22 -14.64
CA THR A 75 8.16 -12.77 -13.25
C THR A 75 6.76 -12.23 -13.01
N SER A 76 6.47 -11.78 -11.79
CA SER A 76 5.13 -11.26 -11.50
C SER A 76 4.89 -9.87 -12.09
N ASP A 77 5.95 -9.18 -12.51
CA ASP A 77 5.77 -7.84 -13.07
C ASP A 77 6.59 -7.55 -14.35
N THR A 78 7.22 -8.57 -14.95
CA THR A 78 7.93 -8.43 -16.24
C THR A 78 7.87 -9.75 -16.99
N CYS A 79 8.18 -9.72 -18.28
CA CYS A 79 8.21 -10.91 -19.11
C CYS A 79 9.16 -10.66 -20.29
N GLY A 80 10.35 -10.16 -19.98
CA GLY A 80 11.30 -9.73 -21.00
C GLY A 80 11.85 -10.86 -21.85
N THR A 81 12.02 -10.58 -23.14
CA THR A 81 12.58 -11.58 -24.06
C THR A 81 14.04 -11.84 -23.69
N THR A 82 14.40 -13.12 -23.70
CA THR A 82 15.77 -13.54 -23.33
C THR A 82 16.59 -14.10 -24.51
N ASP A 83 15.94 -14.36 -25.65
CA ASP A 83 16.67 -14.87 -26.80
C ASP A 83 16.18 -14.18 -28.08
N GLU A 84 16.66 -12.96 -28.31
CA GLU A 84 16.20 -12.20 -29.46
C GLU A 84 16.74 -12.78 -30.77
N ALA A 85 17.90 -13.44 -30.69
CA ALA A 85 18.50 -14.07 -31.87
C ALA A 85 17.59 -15.12 -32.51
N SER A 86 17.07 -16.04 -31.70
CA SER A 86 16.18 -17.06 -32.26
C SER A 86 14.87 -16.44 -32.73
N LEU A 87 14.37 -15.45 -31.99
CA LEU A 87 13.18 -14.73 -32.45
C LEU A 87 13.42 -14.05 -33.80
N PHE A 88 14.53 -13.32 -33.92
CA PHE A 88 14.90 -12.69 -35.19
C PHE A 88 15.05 -13.69 -36.34
N GLU A 89 15.70 -14.82 -36.05
CA GLU A 89 15.97 -15.82 -37.08
C GLU A 89 14.64 -16.38 -37.58
N PHE A 90 13.72 -16.62 -36.66
CA PHE A 90 12.41 -17.12 -37.03
C PHE A 90 11.68 -16.09 -37.92
N GLN A 91 11.68 -14.83 -37.52
CA GLN A 91 10.96 -13.81 -38.28
C GLN A 91 11.57 -13.58 -39.65
N ASP A 92 12.90 -13.58 -39.73
CA ASP A 92 13.58 -13.37 -41.00
C ASP A 92 13.30 -14.51 -42.00
N LYS A 93 13.38 -15.74 -41.52
CA LYS A 93 13.15 -16.92 -42.36
C LYS A 93 11.74 -16.89 -42.98
N HIS A 94 10.79 -16.37 -42.22
CA HIS A 94 9.39 -16.39 -42.68
C HIS A 94 8.86 -15.02 -43.13
N ASN A 95 9.76 -14.05 -43.33
CA ASN A 95 9.41 -12.73 -43.85
C ASN A 95 8.32 -12.04 -43.04
N LEU A 96 8.44 -12.14 -41.71
CA LEU A 96 7.45 -11.56 -40.82
C LEU A 96 7.96 -10.27 -40.16
N LEU A 97 7.16 -9.20 -40.24
CA LEU A 97 7.55 -7.91 -39.69
C LEU A 97 7.09 -7.86 -38.24
N THR A 98 7.78 -7.08 -37.41
CA THR A 98 7.29 -6.78 -36.06
C THR A 98 6.29 -5.63 -36.09
N LEU A 99 5.06 -5.88 -35.62
CA LEU A 99 4.00 -4.88 -35.62
C LEU A 99 3.64 -4.40 -34.23
N GLY A 100 4.15 -5.09 -33.20
CA GLY A 100 3.78 -4.74 -31.83
C GLY A 100 3.93 -5.93 -30.92
N TRP A 101 3.39 -5.86 -29.69
CA TRP A 101 3.48 -6.98 -28.78
C TRP A 101 2.29 -6.96 -27.84
N ILE A 102 2.04 -8.10 -27.22
CA ILE A 102 0.94 -8.24 -26.29
C ILE A 102 1.49 -8.89 -25.01
N HIS A 103 0.98 -8.52 -23.84
CA HIS A 103 1.39 -9.23 -22.63
C HIS A 103 0.31 -9.18 -21.57
N THR A 104 0.41 -10.07 -20.59
CA THR A 104 -0.57 -10.11 -19.49
C THR A 104 -0.15 -9.33 -18.24
N HIS A 105 -1.17 -8.82 -17.55
CA HIS A 105 -1.09 -8.38 -16.15
C HIS A 105 -2.04 -9.33 -15.45
N PRO A 106 -1.54 -10.44 -14.90
CA PRO A 106 -2.46 -11.43 -14.32
C PRO A 106 -3.36 -10.87 -13.23
N THR A 107 -2.85 -9.96 -12.40
CA THR A 107 -3.63 -9.37 -11.32
C THR A 107 -3.66 -7.84 -11.30
N GLN A 108 -2.71 -7.21 -11.98
CA GLN A 108 -2.60 -5.75 -12.00
C GLN A 108 -3.71 -5.11 -12.88
N THR A 109 -3.93 -3.81 -12.70
CA THR A 109 -4.85 -3.07 -13.55
C THR A 109 -4.27 -2.95 -14.96
N CYS A 110 -5.12 -2.58 -15.93
CA CYS A 110 -4.69 -2.39 -17.31
C CYS A 110 -4.08 -0.99 -17.47
N PHE A 111 -2.74 -0.92 -17.48
CA PHE A 111 -1.97 0.30 -17.72
C PHE A 111 -0.61 -0.10 -18.31
N MET A 112 0.21 0.89 -18.67
CA MET A 112 1.56 0.61 -19.11
C MET A 112 2.56 0.94 -18.02
N SER A 113 3.25 -0.07 -17.54
CA SER A 113 4.29 0.10 -16.51
C SER A 113 5.52 0.79 -17.06
N SER A 114 6.43 1.14 -16.15
CA SER A 114 7.69 1.73 -16.56
C SER A 114 8.43 0.85 -17.56
N VAL A 115 8.53 -0.44 -17.25
CA VAL A 115 9.21 -1.40 -18.11
C VAL A 115 8.48 -1.50 -19.46
N ASP A 116 7.16 -1.50 -19.40
CA ASP A 116 6.37 -1.57 -20.64
C ASP A 116 6.63 -0.40 -21.57
N LEU A 117 6.81 0.78 -20.99
CA LEU A 117 7.06 1.97 -21.80
C LEU A 117 8.45 1.92 -22.43
N HIS A 118 9.46 1.48 -21.68
CA HIS A 118 10.78 1.33 -22.27
C HIS A 118 10.84 0.23 -23.33
N THR A 119 10.12 -0.84 -23.09
CA THR A 119 10.04 -1.93 -24.07
C THR A 119 9.39 -1.44 -25.36
N HIS A 120 8.30 -0.69 -25.21
CA HIS A 120 7.55 -0.28 -26.40
C HIS A 120 8.30 0.73 -27.24
N CYS A 121 9.14 1.52 -26.59
CA CYS A 121 9.88 2.55 -27.30
C CYS A 121 10.65 1.99 -28.50
N SER A 122 11.34 0.87 -28.32
CA SER A 122 12.05 0.29 -29.45
C SER A 122 11.11 -0.12 -30.58
N TYR A 123 9.94 -0.67 -30.25
CA TYR A 123 8.99 -1.08 -31.28
C TYR A 123 8.53 0.10 -32.12
N GLN A 124 8.21 1.19 -31.45
CA GLN A 124 7.56 2.32 -32.11
C GLN A 124 8.57 3.28 -32.77
N LEU A 125 9.84 3.15 -32.41
CA LEU A 125 10.88 3.83 -33.18
C LEU A 125 11.05 3.15 -34.52
N MET A 126 10.92 1.83 -34.53
CA MET A 126 11.10 1.06 -35.74
C MET A 126 9.88 1.16 -36.65
N LEU A 127 8.69 1.26 -36.04
CA LEU A 127 7.45 1.32 -36.80
C LEU A 127 6.54 2.31 -36.12
N PRO A 128 6.23 3.44 -36.77
CA PRO A 128 5.40 4.42 -36.05
C PRO A 128 4.03 3.85 -35.64
N GLU A 129 3.52 2.88 -36.38
CA GLU A 129 2.21 2.29 -36.07
C GLU A 129 2.22 1.28 -34.91
N ALA A 130 3.39 0.96 -34.37
CA ALA A 130 3.48 -0.17 -33.44
C ALA A 130 2.59 -0.01 -32.21
N ILE A 131 2.00 -1.12 -31.74
CA ILE A 131 1.09 -1.09 -30.62
C ILE A 131 1.49 -2.04 -29.51
N ALA A 132 1.05 -1.73 -28.29
CA ALA A 132 1.25 -2.60 -27.13
C ALA A 132 -0.12 -2.97 -26.59
N ILE A 133 -0.47 -4.25 -26.69
CA ILE A 133 -1.72 -4.74 -26.14
C ILE A 133 -1.49 -5.29 -24.73
N VAL A 134 -2.29 -4.83 -23.79
CA VAL A 134 -2.16 -5.26 -22.39
C VAL A 134 -3.46 -5.93 -21.97
N MET A 135 -3.38 -7.21 -21.56
CA MET A 135 -4.55 -7.95 -21.09
C MET A 135 -4.51 -7.97 -19.56
N ALA A 136 -5.61 -7.60 -18.91
CA ALA A 136 -5.68 -7.66 -17.44
C ALA A 136 -6.85 -8.57 -17.06
N PRO A 137 -6.65 -9.88 -17.17
CA PRO A 137 -7.75 -10.85 -17.08
C PRO A 137 -8.43 -10.85 -15.71
N SER A 138 -7.72 -10.52 -14.63
CA SER A 138 -8.39 -10.47 -13.32
C SER A 138 -9.35 -9.28 -13.23
N LYS A 139 -9.18 -8.29 -14.10
CA LYS A 139 -10.08 -7.14 -14.15
C LYS A 139 -11.12 -7.29 -15.27
N ASN A 140 -10.99 -8.34 -16.07
CA ASN A 140 -11.75 -8.54 -17.31
C ASN A 140 -11.68 -7.31 -18.23
N THR A 141 -10.49 -6.72 -18.30
CA THR A 141 -10.27 -5.58 -19.20
C THR A 141 -9.06 -5.84 -20.08
N SER A 142 -8.96 -5.05 -21.15
CA SER A 142 -7.72 -5.00 -21.94
C SER A 142 -7.61 -3.63 -22.57
N GLY A 143 -6.46 -3.33 -23.16
CA GLY A 143 -6.25 -2.01 -23.72
C GLY A 143 -5.16 -2.06 -24.78
N ILE A 144 -5.27 -1.19 -25.77
CA ILE A 144 -4.22 -1.07 -26.76
C ILE A 144 -3.58 0.31 -26.64
N PHE A 145 -2.27 0.33 -26.40
CA PHE A 145 -1.56 1.58 -26.06
C PHE A 145 -0.44 1.88 -27.04
N ARG A 146 -0.04 3.15 -27.07
CA ARG A 146 1.19 3.55 -27.77
C ARG A 146 1.80 4.76 -27.07
N LEU A 147 3.03 5.10 -27.41
CA LEU A 147 3.64 6.28 -26.83
C LEU A 147 3.20 7.52 -27.63
N LEU A 148 3.17 8.68 -26.99
CA LEU A 148 3.03 9.92 -27.76
C LEU A 148 4.25 10.08 -28.66
N ASP A 149 4.02 10.57 -29.88
CA ASP A 149 5.03 10.63 -30.93
C ASP A 149 4.90 12.02 -31.56
N PRO A 150 5.92 12.88 -31.38
CA PRO A 150 7.25 12.52 -30.87
C PRO A 150 7.49 12.58 -29.35
N GLU A 151 6.63 13.29 -28.60
CA GLU A 151 6.99 13.70 -27.23
C GLU A 151 7.31 12.56 -26.24
N GLY A 152 6.44 11.55 -26.21
CA GLY A 152 6.65 10.40 -25.35
C GLY A 152 7.83 9.56 -25.77
N LEU A 153 8.00 9.35 -27.09
CA LEU A 153 9.17 8.63 -27.57
C LEU A 153 10.43 9.35 -27.09
N GLN A 154 10.40 10.68 -27.14
CA GLN A 154 11.55 11.49 -26.74
C GLN A 154 11.86 11.32 -25.27
N THR A 155 10.81 11.31 -24.45
CA THR A 155 10.97 11.20 -23.00
C THR A 155 11.61 9.87 -22.64
N ILE A 156 11.19 8.81 -23.31
CA ILE A 156 11.69 7.47 -22.99
C ILE A 156 13.09 7.24 -23.55
N VAL A 157 13.34 7.77 -24.74
CA VAL A 157 14.67 7.69 -25.33
C VAL A 157 15.69 8.33 -24.40
N LYS A 158 15.29 9.43 -23.78
CA LYS A 158 16.21 10.18 -22.93
C LYS A 158 16.34 9.61 -21.53
N CYS A 159 15.34 8.85 -21.10
CA CYS A 159 15.30 8.34 -19.72
C CYS A 159 16.37 7.30 -19.43
N ARG A 160 17.24 7.62 -18.48
CA ARG A 160 18.32 6.72 -18.08
C ARG A 160 18.16 6.21 -16.66
N LYS A 161 16.96 6.36 -16.09
CA LYS A 161 16.74 5.92 -14.72
C LYS A 161 16.97 4.41 -14.64
N PRO A 162 17.86 3.99 -13.73
CA PRO A 162 18.00 2.55 -13.51
C PRO A 162 16.84 2.21 -12.62
N GLY A 163 16.67 0.97 -12.25
CA GLY A 163 15.58 0.73 -11.35
C GLY A 163 14.41 0.32 -12.20
N LEU A 164 13.93 -0.88 -11.89
CA LEU A 164 12.93 -1.58 -12.67
C LEU A 164 11.72 -0.71 -12.91
N PHE A 165 11.20 -0.17 -11.81
CA PHE A 165 10.04 0.69 -11.89
C PHE A 165 10.31 2.08 -11.32
N HIS A 166 10.13 3.06 -12.19
CA HIS A 166 10.42 4.44 -11.88
C HIS A 166 9.38 5.25 -12.64
N PRO A 167 9.08 6.47 -12.14
CA PRO A 167 8.09 7.33 -12.77
C PRO A 167 8.66 8.15 -13.93
N HIS A 168 7.77 8.72 -14.75
CA HIS A 168 8.17 9.60 -15.84
C HIS A 168 7.43 10.94 -15.74
N GLU A 169 8.10 12.00 -16.19
CA GLU A 169 7.54 13.34 -16.12
C GLU A 169 6.69 13.63 -17.36
N GLY A 170 5.46 14.06 -17.16
CA GLY A 170 4.60 14.43 -18.26
C GLY A 170 3.75 13.29 -18.77
N LYS A 171 2.95 13.56 -19.80
CA LYS A 171 2.20 12.51 -20.45
C LYS A 171 3.16 11.83 -21.42
N VAL A 172 3.17 10.51 -21.38
CA VAL A 172 4.13 9.74 -22.15
C VAL A 172 3.39 8.78 -23.12
N TYR A 173 2.25 8.26 -22.66
CA TYR A 173 1.50 7.29 -23.49
C TYR A 173 0.00 7.56 -23.54
N THR A 174 -0.68 6.85 -24.44
CA THR A 174 -2.10 7.06 -24.66
C THR A 174 -2.71 5.77 -25.18
N MET A 175 -4.01 5.59 -25.00
CA MET A 175 -4.67 4.43 -25.56
C MET A 175 -5.01 4.76 -27.01
N VAL A 176 -4.98 3.74 -27.87
CA VAL A 176 -5.35 3.90 -29.26
C VAL A 176 -6.82 4.24 -29.31
N ALA A 177 -7.15 5.24 -30.13
CA ALA A 177 -8.52 5.75 -30.22
C ALA A 177 -9.48 4.77 -30.91
N GLN A 178 -10.75 4.87 -30.60
CA GLN A 178 -11.76 4.05 -31.27
C GLN A 178 -12.81 4.91 -31.93
N PRO A 179 -12.84 4.93 -33.26
CA PRO A 179 -11.92 4.19 -34.15
C PRO A 179 -10.58 4.90 -34.32
N GLY A 180 -9.63 4.21 -34.96
CA GLY A 180 -8.27 4.73 -35.08
C GLY A 180 -7.52 3.78 -35.98
N HIS A 181 -6.19 3.75 -35.87
CA HIS A 181 -5.44 3.03 -36.89
C HIS A 181 -5.49 1.50 -36.74
N VAL A 182 -6.05 1.02 -35.63
CA VAL A 182 -6.20 -0.43 -35.43
C VAL A 182 -7.63 -0.85 -35.69
N ARG A 183 -7.80 -1.83 -36.59
CA ARG A 183 -9.13 -2.38 -36.88
C ARG A 183 -9.14 -3.87 -36.65
N GLU A 184 -10.21 -4.37 -36.05
CA GLU A 184 -10.32 -5.81 -35.90
C GLU A 184 -10.87 -6.43 -37.17
N ILE A 185 -10.40 -7.63 -37.51
CA ILE A 185 -11.00 -8.36 -38.62
C ILE A 185 -11.18 -9.85 -38.32
N ASN A 186 -12.07 -10.48 -39.08
N ASN A 186 -12.05 -10.50 -39.09
CA ASN A 186 -12.35 -11.90 -38.88
CA ASN A 186 -12.34 -11.91 -38.87
C ASN A 186 -11.36 -12.75 -39.66
C ASN A 186 -11.39 -12.83 -39.61
N SER A 187 -10.16 -12.90 -39.11
CA SER A 187 -9.11 -13.64 -39.78
C SER A 187 -8.64 -14.87 -39.01
N LYS A 188 -7.94 -15.76 -39.71
CA LYS A 188 -7.34 -16.92 -39.07
C LYS A 188 -6.17 -16.44 -38.22
N LEU A 189 -5.64 -17.30 -37.36
CA LEU A 189 -4.50 -16.90 -36.56
C LEU A 189 -3.60 -18.10 -36.38
N GLN A 190 -2.29 -17.85 -36.37
CA GLN A 190 -1.30 -18.89 -36.07
C GLN A 190 -0.51 -18.41 -34.87
N VAL A 191 -0.41 -19.26 -33.86
CA VAL A 191 0.46 -18.99 -32.69
C VAL A 191 1.69 -19.83 -32.87
N VAL A 192 2.85 -19.19 -32.71
CA VAL A 192 4.11 -19.88 -32.89
C VAL A 192 4.82 -19.78 -31.54
N ASP A 193 5.07 -20.92 -30.89
CA ASP A 193 5.69 -20.91 -29.56
C ASP A 193 7.15 -21.36 -29.70
N LEU A 194 8.08 -20.49 -29.32
CA LEU A 194 9.49 -20.78 -29.53
C LEU A 194 10.10 -21.45 -28.29
N ARG A 195 9.28 -21.61 -27.24
CA ARG A 195 9.70 -22.21 -25.96
C ARG A 195 9.54 -23.72 -26.03
N THR B 9 -16.10 13.61 5.52
CA THR B 9 -15.26 12.53 6.03
C THR B 9 -14.26 12.06 4.98
N PHE B 10 -13.66 10.90 5.23
CA PHE B 10 -12.89 10.22 4.20
C PHE B 10 -13.85 9.58 3.19
N LYS B 11 -13.55 9.82 1.92
CA LYS B 11 -14.44 9.50 0.81
C LYS B 11 -14.21 8.08 0.28
N ILE B 12 -15.13 7.60 -0.55
CA ILE B 12 -15.01 6.28 -1.18
C ILE B 12 -14.35 6.38 -2.56
N HIS B 13 -13.28 5.62 -2.79
CA HIS B 13 -12.57 5.70 -4.07
C HIS B 13 -12.34 4.35 -4.73
N ALA B 14 -13.03 3.32 -4.26
CA ALA B 14 -12.89 1.98 -4.83
C ALA B 14 -14.12 1.13 -4.61
N TYR B 15 -14.35 0.21 -5.53
CA TYR B 15 -15.56 -0.61 -5.53
C TYR B 15 -15.22 -2.06 -5.83
N THR B 16 -16.05 -2.97 -5.33
CA THR B 16 -15.92 -4.39 -5.66
C THR B 16 -16.39 -4.65 -7.08
N GLU B 17 -16.21 -5.89 -7.54
CA GLU B 17 -16.60 -6.27 -8.89
C GLU B 17 -18.11 -6.22 -9.03
N GLY B 18 -18.80 -6.40 -7.89
CA GLY B 18 -20.25 -6.30 -7.81
C GLY B 18 -20.76 -4.88 -7.62
N GLY B 19 -19.85 -3.92 -7.43
CA GLY B 19 -20.25 -2.53 -7.34
C GLY B 19 -20.34 -1.99 -5.92
N LYS B 20 -20.02 -2.83 -4.93
CA LYS B 20 -20.07 -2.43 -3.52
C LYS B 20 -18.90 -1.54 -3.12
N PRO B 21 -19.18 -0.50 -2.32
CA PRO B 21 -18.16 0.47 -1.87
C PRO B 21 -17.07 -0.18 -1.01
N LEU B 22 -15.82 0.16 -1.28
CA LEU B 22 -14.71 -0.25 -0.44
C LEU B 22 -14.10 0.95 0.27
N ARG B 23 -14.19 0.97 1.61
CA ARG B 23 -13.57 2.05 2.38
C ARG B 23 -12.05 2.02 2.25
N THR B 24 -11.42 3.18 2.29
CA THR B 24 -9.97 3.28 2.19
C THR B 24 -9.27 2.66 3.40
N ILE B 25 -8.16 1.98 3.16
CA ILE B 25 -7.29 1.51 4.24
C ILE B 25 -5.95 2.25 4.18
N TYR B 26 -5.64 2.98 5.25
CA TYR B 26 -4.38 3.71 5.31
C TYR B 26 -3.28 2.83 5.89
N LEU B 27 -2.20 2.71 5.13
CA LEU B 27 -1.13 1.78 5.43
C LEU B 27 0.13 2.57 5.75
N PRO B 28 0.62 2.48 7.00
CA PRO B 28 1.88 3.09 7.40
C PRO B 28 3.01 2.78 6.42
N LYS B 29 3.72 3.83 6.01
CA LYS B 29 4.71 3.78 4.94
C LYS B 29 5.82 2.76 5.17
N LEU B 30 6.21 2.59 6.43
CA LEU B 30 7.32 1.73 6.77
C LEU B 30 6.90 0.31 7.15
N LEU B 31 5.59 0.04 7.12
CA LEU B 31 5.09 -1.26 7.59
C LEU B 31 5.80 -2.44 6.93
N LYS B 32 5.83 -2.46 5.60
CA LYS B 32 6.43 -3.59 4.88
C LYS B 32 7.89 -3.78 5.28
N LYS B 33 8.63 -2.68 5.34
CA LYS B 33 10.04 -2.75 5.70
C LYS B 33 10.21 -3.25 7.14
N VAL B 34 9.44 -2.68 8.06
CA VAL B 34 9.45 -3.12 9.45
C VAL B 34 9.16 -4.61 9.57
N PHE B 35 8.11 -5.07 8.90
CA PHE B 35 7.73 -6.48 8.89
C PHE B 35 8.87 -7.39 8.44
N LEU B 36 9.51 -7.03 7.31
CA LEU B 36 10.62 -7.82 6.79
C LEU B 36 11.77 -7.92 7.79
N ASP B 37 12.02 -6.81 8.48
CA ASP B 37 13.09 -6.77 9.49
C ASP B 37 12.78 -7.64 10.73
N VAL B 38 11.55 -7.56 11.23
CA VAL B 38 11.15 -8.38 12.39
C VAL B 38 11.20 -9.88 12.13
N VAL B 39 10.79 -10.31 10.93
CA VAL B 39 10.72 -11.75 10.66
C VAL B 39 11.93 -12.31 9.93
N LYS B 40 12.98 -11.50 9.75
CA LYS B 40 14.16 -11.91 8.98
C LYS B 40 14.82 -13.25 9.38
N PRO B 41 14.96 -13.55 10.69
CA PRO B 41 15.52 -14.86 11.07
C PRO B 41 14.80 -16.05 10.44
N ASN B 42 13.48 -15.99 10.33
CA ASN B 42 12.73 -17.05 9.66
C ASN B 42 13.01 -17.03 8.16
N THR B 43 12.99 -15.83 7.58
CA THR B 43 13.24 -15.67 6.16
C THR B 43 14.59 -16.26 5.78
N LYS B 44 15.59 -16.04 6.65
CA LYS B 44 16.93 -16.58 6.42
C LYS B 44 16.92 -18.10 6.34
N LYS B 45 15.97 -18.73 7.03
CA LYS B 45 15.84 -20.18 7.05
C LYS B 45 14.83 -20.73 6.03
N ASN B 46 14.36 -19.87 5.12
CA ASN B 46 13.33 -20.27 4.16
C ASN B 46 12.03 -20.71 4.85
N LEU B 47 11.64 -19.97 5.88
CA LEU B 47 10.39 -20.22 6.60
C LEU B 47 9.49 -18.99 6.50
N GLU B 48 8.21 -19.21 6.19
CA GLU B 48 7.24 -18.13 6.09
C GLU B 48 6.95 -17.61 7.49
N THR B 49 6.61 -16.33 7.59
CA THR B 49 6.06 -15.77 8.82
C THR B 49 4.91 -14.85 8.41
N CYS B 50 3.88 -14.76 9.24
CA CYS B 50 2.82 -13.80 9.00
C CYS B 50 2.73 -12.75 10.08
N GLY B 51 1.94 -11.72 9.79
CA GLY B 51 1.66 -10.66 10.73
C GLY B 51 0.23 -10.23 10.47
N ILE B 52 -0.47 -9.82 11.52
CA ILE B 52 -1.85 -9.38 11.37
C ILE B 52 -1.90 -7.87 11.26
N LEU B 53 -2.70 -7.35 10.32
CA LEU B 53 -2.86 -5.91 10.17
C LEU B 53 -4.04 -5.47 11.04
N CYS B 54 -3.76 -4.73 12.11
CA CYS B 54 -4.81 -4.32 13.05
C CYS B 54 -4.89 -2.80 13.14
N GLY B 55 -6.10 -2.30 13.43
CA GLY B 55 -6.30 -0.86 13.51
C GLY B 55 -7.71 -0.40 13.81
N LYS B 56 -7.99 0.84 13.43
CA LYS B 56 -9.22 1.52 13.83
C LYS B 56 -9.97 2.05 12.62
N LEU B 57 -11.28 2.17 12.77
CA LEU B 57 -12.13 2.83 11.79
C LEU B 57 -12.37 4.26 12.27
N ARG B 58 -12.00 5.24 11.46
CA ARG B 58 -12.14 6.64 11.83
C ARG B 58 -12.67 7.43 10.64
N GLN B 59 -13.87 7.97 10.80
CA GLN B 59 -14.45 8.87 9.79
C GLN B 59 -14.49 8.26 8.38
N ASN B 60 -15.01 7.04 8.31
CA ASN B 60 -15.23 6.31 7.07
C ASN B 60 -13.97 5.78 6.38
N ALA B 61 -12.83 5.81 7.09
CA ALA B 61 -11.61 5.18 6.59
C ALA B 61 -10.98 4.31 7.66
N PHE B 62 -10.31 3.24 7.24
CA PHE B 62 -9.59 2.38 8.15
C PHE B 62 -8.13 2.80 8.24
N PHE B 63 -7.57 2.66 9.43
CA PHE B 63 -6.16 2.99 9.67
C PHE B 63 -5.47 1.82 10.34
N ILE B 64 -4.40 1.33 9.71
CA ILE B 64 -3.60 0.28 10.31
C ILE B 64 -2.66 0.90 11.34
N THR B 65 -2.89 0.59 12.62
CA THR B 65 -2.14 1.20 13.71
C THR B 65 -1.11 0.23 14.29
N HIS B 66 -1.39 -1.06 14.14
CA HIS B 66 -0.58 -2.09 14.77
C HIS B 66 -0.25 -3.25 13.83
N LEU B 67 0.98 -3.76 13.94
CA LEU B 67 1.39 -4.97 13.25
C LEU B 67 1.62 -6.03 14.31
N VAL B 68 0.73 -7.02 14.39
CA VAL B 68 0.82 -8.04 15.43
C VAL B 68 1.35 -9.37 14.89
N ILE B 69 2.51 -9.82 15.39
CA ILE B 69 3.05 -11.11 14.98
C ILE B 69 2.52 -12.20 15.92
N PRO B 70 1.55 -13.01 15.45
CA PRO B 70 0.92 -14.01 16.34
C PRO B 70 1.74 -15.27 16.51
N LEU B 71 1.40 -16.08 17.52
CA LEU B 71 1.98 -17.40 17.66
C LEU B 71 1.62 -18.18 16.40
N GLN B 72 2.59 -18.93 15.86
CA GLN B 72 2.40 -19.57 14.57
C GLN B 72 3.39 -20.70 14.34
N GLU B 73 3.04 -21.58 13.40
CA GLU B 73 3.91 -22.67 12.98
C GLU B 73 4.52 -22.32 11.63
N ALA B 74 5.83 -22.19 11.58
CA ALA B 74 6.55 -21.86 10.34
C ALA B 74 6.87 -23.10 9.48
N THR B 75 6.51 -23.04 8.20
CA THR B 75 7.03 -23.99 7.20
C THR B 75 7.46 -23.17 5.97
N SER B 76 8.03 -23.83 4.97
CA SER B 76 8.46 -23.10 3.77
C SER B 76 7.29 -22.69 2.86
N ASP B 77 6.07 -23.14 3.19
CA ASP B 77 4.91 -22.83 2.36
C ASP B 77 3.66 -22.43 3.13
N THR B 78 3.75 -22.42 4.46
CA THR B 78 2.61 -22.05 5.31
C THR B 78 3.08 -21.28 6.54
N CYS B 79 2.19 -20.49 7.14
CA CYS B 79 2.50 -19.82 8.40
C CYS B 79 1.24 -19.60 9.24
N GLY B 80 0.42 -20.63 9.35
CA GLY B 80 -0.85 -20.52 10.04
C GLY B 80 -0.69 -20.24 11.53
N THR B 81 -1.63 -19.46 12.07
CA THR B 81 -1.64 -19.15 13.50
C THR B 81 -1.96 -20.39 14.35
N THR B 82 -1.33 -20.47 15.53
CA THR B 82 -1.62 -21.54 16.50
C THR B 82 -2.64 -21.04 17.53
N ASP B 83 -2.19 -20.68 18.72
CA ASP B 83 -3.11 -20.16 19.74
C ASP B 83 -3.54 -18.72 19.46
N GLU B 84 -4.84 -18.56 19.22
CA GLU B 84 -5.41 -17.27 18.82
C GLU B 84 -5.72 -16.39 20.02
N ALA B 85 -6.05 -17.04 21.14
CA ALA B 85 -6.47 -16.37 22.36
C ALA B 85 -5.62 -15.12 22.64
N SER B 86 -4.32 -15.31 22.71
CA SER B 86 -3.35 -14.22 22.87
C SER B 86 -3.64 -13.04 21.95
N LEU B 87 -3.78 -13.32 20.66
CA LEU B 87 -4.06 -12.30 19.65
C LEU B 87 -5.42 -11.65 19.87
N PHE B 88 -6.44 -12.46 20.13
CA PHE B 88 -7.78 -11.93 20.41
C PHE B 88 -7.79 -11.01 21.63
N GLU B 89 -7.13 -11.44 22.70
CA GLU B 89 -7.06 -10.65 23.93
C GLU B 89 -6.42 -9.29 23.66
N PHE B 90 -5.33 -9.30 22.89
CA PHE B 90 -4.64 -8.06 22.58
C PHE B 90 -5.58 -7.12 21.85
N GLN B 91 -6.24 -7.64 20.80
CA GLN B 91 -7.13 -6.81 20.00
C GLN B 91 -8.32 -6.31 20.80
N ASP B 92 -8.81 -7.16 21.71
CA ASP B 92 -9.95 -6.79 22.55
C ASP B 92 -9.60 -5.64 23.50
N LYS B 93 -8.49 -5.79 24.22
CA LYS B 93 -7.99 -4.74 25.12
C LYS B 93 -8.00 -3.36 24.47
N HIS B 94 -7.58 -3.29 23.21
CA HIS B 94 -7.40 -2.01 22.55
C HIS B 94 -8.48 -1.67 21.51
N ASN B 95 -9.54 -2.48 21.46
CA ASN B 95 -10.60 -2.30 20.48
C ASN B 95 -10.07 -2.23 19.04
N LEU B 96 -9.10 -3.10 18.75
CA LEU B 96 -8.49 -3.16 17.42
C LEU B 96 -9.28 -4.08 16.47
N LEU B 97 -9.49 -3.60 15.25
CA LEU B 97 -10.19 -4.39 14.23
C LEU B 97 -9.14 -5.12 13.38
N THR B 98 -9.52 -6.26 12.83
CA THR B 98 -8.63 -7.00 11.93
C THR B 98 -8.90 -6.45 10.53
N LEU B 99 -7.83 -5.97 9.85
CA LEU B 99 -7.99 -5.29 8.58
C LEU B 99 -7.35 -6.07 7.42
N GLY B 100 -6.58 -7.09 7.76
CA GLY B 100 -5.87 -7.88 6.77
C GLY B 100 -4.69 -8.57 7.40
N TRP B 101 -3.81 -9.12 6.56
CA TRP B 101 -2.64 -9.81 7.06
C TRP B 101 -1.51 -9.67 6.05
N ILE B 102 -0.30 -9.95 6.50
CA ILE B 102 0.90 -9.86 5.67
C ILE B 102 1.75 -11.10 5.90
N HIS B 103 2.39 -11.62 4.86
CA HIS B 103 3.25 -12.77 5.04
C HIS B 103 4.34 -12.86 3.99
N THR B 104 5.38 -13.63 4.30
CA THR B 104 6.53 -13.81 3.41
C THR B 104 6.48 -15.06 2.56
N HIS B 105 6.93 -14.90 1.31
CA HIS B 105 7.43 -15.98 0.48
C HIS B 105 8.93 -15.76 0.41
N PRO B 106 9.68 -16.43 1.28
CA PRO B 106 11.11 -16.13 1.39
C PRO B 106 11.89 -16.38 0.10
N THR B 107 11.53 -17.40 -0.67
CA THR B 107 12.30 -17.74 -1.86
C THR B 107 11.47 -17.81 -3.14
N GLN B 108 10.15 -17.84 -3.01
CA GLN B 108 9.29 -18.00 -4.17
C GLN B 108 8.79 -16.66 -4.72
N THR B 109 8.06 -16.69 -5.83
CA THR B 109 7.55 -15.44 -6.40
C THR B 109 6.40 -14.88 -5.58
N CYS B 110 5.97 -13.67 -5.93
CA CYS B 110 4.86 -12.99 -5.28
C CYS B 110 3.54 -13.43 -5.92
N PHE B 111 2.78 -14.21 -5.17
CA PHE B 111 1.46 -14.66 -5.59
C PHE B 111 0.68 -15.04 -4.36
N MET B 112 -0.60 -15.37 -4.54
CA MET B 112 -1.39 -15.94 -3.46
C MET B 112 -1.52 -17.44 -3.70
N SER B 113 -0.96 -18.26 -2.80
CA SER B 113 -1.09 -19.70 -2.94
C SER B 113 -2.51 -20.18 -2.66
N SER B 114 -2.75 -21.46 -2.94
CA SER B 114 -4.04 -22.08 -2.63
C SER B 114 -4.42 -21.85 -1.17
N VAL B 115 -3.48 -22.15 -0.26
CA VAL B 115 -3.73 -21.94 1.17
C VAL B 115 -4.01 -20.47 1.48
N ASP B 116 -3.25 -19.57 0.86
CA ASP B 116 -3.44 -18.13 1.07
C ASP B 116 -4.85 -17.69 0.71
N LEU B 117 -5.38 -18.26 -0.37
CA LEU B 117 -6.70 -17.87 -0.84
C LEU B 117 -7.79 -18.33 0.14
N HIS B 118 -7.66 -19.55 0.62
CA HIS B 118 -8.58 -20.07 1.63
C HIS B 118 -8.48 -19.28 2.94
N THR B 119 -7.25 -18.94 3.32
CA THR B 119 -7.02 -18.12 4.51
C THR B 119 -7.70 -16.76 4.32
N HIS B 120 -7.44 -16.11 3.19
CA HIS B 120 -7.95 -14.76 3.02
C HIS B 120 -9.47 -14.71 2.90
N CYS B 121 -10.05 -15.80 2.40
CA CYS B 121 -11.50 -15.85 2.22
C CYS B 121 -12.24 -15.50 3.52
N SER B 122 -11.73 -15.99 4.65
CA SER B 122 -12.34 -15.70 5.95
C SER B 122 -12.23 -14.22 6.32
N TYR B 123 -11.05 -13.63 6.10
CA TYR B 123 -10.83 -12.21 6.38
C TYR B 123 -11.81 -11.34 5.60
N GLN B 124 -12.01 -11.67 4.32
CA GLN B 124 -12.77 -10.79 3.42
C GLN B 124 -14.28 -11.04 3.50
N LEU B 125 -14.66 -12.22 3.96
CA LEU B 125 -16.06 -12.49 4.27
C LEU B 125 -16.49 -11.65 5.45
N MET B 126 -15.59 -11.50 6.42
CA MET B 126 -15.85 -10.69 7.60
C MET B 126 -15.79 -9.20 7.27
N LEU B 127 -14.78 -8.80 6.49
CA LEU B 127 -14.58 -7.40 6.15
C LEU B 127 -14.27 -7.30 4.66
N PRO B 128 -15.21 -6.76 3.87
CA PRO B 128 -15.05 -6.64 2.41
C PRO B 128 -13.75 -5.96 1.99
N GLU B 129 -13.27 -5.01 2.78
CA GLU B 129 -12.03 -4.28 2.47
C GLU B 129 -10.75 -5.02 2.85
N ALA B 130 -10.87 -6.22 3.41
CA ALA B 130 -9.72 -6.94 3.96
C ALA B 130 -8.64 -7.21 2.88
N ILE B 131 -7.38 -7.00 3.23
CA ILE B 131 -6.28 -7.14 2.26
C ILE B 131 -5.23 -8.19 2.65
N ALA B 132 -4.55 -8.74 1.64
CA ALA B 132 -3.46 -9.67 1.88
C ALA B 132 -2.18 -9.13 1.26
N ILE B 133 -1.23 -8.73 2.10
CA ILE B 133 0.06 -8.27 1.60
C ILE B 133 1.00 -9.46 1.51
N VAL B 134 1.59 -9.67 0.34
CA VAL B 134 2.56 -10.75 0.16
C VAL B 134 3.93 -10.16 -0.16
N MET B 135 4.92 -10.48 0.67
CA MET B 135 6.31 -10.03 0.44
C MET B 135 7.13 -11.16 -0.18
N ALA B 136 7.86 -10.88 -1.25
CA ALA B 136 8.75 -11.88 -1.84
C ALA B 136 10.17 -11.33 -1.92
N PRO B 137 10.88 -11.32 -0.78
CA PRO B 137 12.18 -10.65 -0.65
C PRO B 137 13.28 -11.13 -1.60
N SER B 138 13.36 -12.43 -1.90
CA SER B 138 14.43 -12.93 -2.78
C SER B 138 14.23 -12.50 -4.24
N LYS B 139 12.98 -12.24 -4.60
CA LYS B 139 12.65 -11.78 -5.96
C LYS B 139 12.57 -10.28 -5.99
N ASN B 140 12.76 -9.65 -4.82
CA ASN B 140 12.60 -8.22 -4.65
C ASN B 140 11.24 -7.71 -5.18
N THR B 141 10.16 -8.38 -4.78
CA THR B 141 8.82 -7.96 -5.20
C THR B 141 7.86 -8.04 -4.01
N SER B 142 6.74 -7.34 -4.11
CA SER B 142 5.68 -7.42 -3.10
C SER B 142 4.35 -7.15 -3.79
N GLY B 143 3.24 -7.42 -3.11
CA GLY B 143 1.96 -7.17 -3.70
C GLY B 143 0.85 -7.16 -2.68
N ILE B 144 -0.21 -6.42 -2.97
CA ILE B 144 -1.38 -6.37 -2.09
C ILE B 144 -2.59 -6.92 -2.85
N PHE B 145 -3.12 -8.05 -2.36
CA PHE B 145 -4.17 -8.77 -3.06
C PHE B 145 -5.48 -8.86 -2.29
N ARG B 146 -6.54 -9.15 -3.03
CA ARG B 146 -7.83 -9.44 -2.45
C ARG B 146 -8.55 -10.38 -3.40
N LEU B 147 -9.55 -11.10 -2.88
CA LEU B 147 -10.38 -11.92 -3.74
C LEU B 147 -11.31 -11.04 -4.57
N LEU B 148 -11.65 -11.52 -5.76
CA LEU B 148 -12.68 -10.89 -6.56
C LEU B 148 -13.97 -11.07 -5.77
N ASP B 149 -14.82 -10.04 -5.76
CA ASP B 149 -16.03 -10.04 -4.94
C ASP B 149 -17.17 -9.57 -5.84
N PRO B 150 -18.12 -10.46 -6.17
CA PRO B 150 -18.41 -11.79 -5.60
C PRO B 150 -17.66 -13.02 -6.14
N GLU B 151 -17.20 -13.02 -7.38
CA GLU B 151 -16.79 -14.26 -8.04
C GLU B 151 -15.72 -15.10 -7.34
N GLY B 152 -14.64 -14.47 -6.90
CA GLY B 152 -13.55 -15.19 -6.26
C GLY B 152 -13.94 -15.70 -4.88
N LEU B 153 -14.67 -14.90 -4.13
CA LEU B 153 -15.16 -15.36 -2.82
C LEU B 153 -16.03 -16.59 -2.98
N GLN B 154 -16.88 -16.57 -3.99
CA GLN B 154 -17.73 -17.71 -4.27
C GLN B 154 -16.96 -18.99 -4.62
N THR B 155 -15.97 -18.87 -5.51
CA THR B 155 -15.18 -20.03 -5.90
C THR B 155 -14.49 -20.67 -4.70
N ILE B 156 -13.95 -19.84 -3.82
CA ILE B 156 -13.17 -20.34 -2.71
C ILE B 156 -14.06 -20.99 -1.67
N VAL B 157 -15.23 -20.39 -1.45
CA VAL B 157 -16.18 -20.91 -0.46
C VAL B 157 -16.66 -22.30 -0.89
N LYS B 158 -16.93 -22.45 -2.19
CA LYS B 158 -17.44 -23.70 -2.73
C LYS B 158 -16.37 -24.77 -2.88
N CYS B 159 -15.11 -24.39 -2.73
CA CYS B 159 -14.01 -25.34 -2.89
C CYS B 159 -13.77 -26.16 -1.63
N ARG B 160 -13.91 -27.47 -1.76
CA ARG B 160 -13.68 -28.38 -0.64
C ARG B 160 -12.56 -29.37 -0.95
N LYS B 161 -11.50 -28.90 -1.62
CA LYS B 161 -10.36 -29.75 -1.92
C LYS B 161 -9.37 -29.71 -0.77
N PRO B 162 -8.90 -30.89 -0.33
CA PRO B 162 -7.84 -30.89 0.67
C PRO B 162 -6.50 -30.87 -0.05
N GLY B 163 -5.42 -30.71 0.71
CA GLY B 163 -4.13 -30.55 0.10
C GLY B 163 -3.85 -29.07 0.03
N LEU B 164 -2.58 -28.71 0.15
CA LEU B 164 -2.21 -27.31 0.30
C LEU B 164 -2.14 -26.54 -1.02
N PHE B 165 -2.00 -27.26 -2.14
CA PHE B 165 -1.56 -26.63 -3.38
C PHE B 165 -2.52 -26.71 -4.58
N HIS B 166 -3.72 -27.24 -4.35
CA HIS B 166 -4.68 -27.49 -5.43
C HIS B 166 -5.00 -26.23 -6.23
N PRO B 167 -5.29 -26.38 -7.54
CA PRO B 167 -5.61 -25.21 -8.36
C PRO B 167 -7.08 -24.80 -8.20
N HIS B 168 -7.42 -23.59 -8.65
CA HIS B 168 -8.81 -23.18 -8.72
C HIS B 168 -9.18 -22.76 -10.14
N GLU B 169 -10.41 -23.01 -10.53
CA GLU B 169 -10.87 -22.63 -11.86
C GLU B 169 -11.26 -21.13 -11.95
N GLY B 170 -10.97 -20.54 -13.11
CA GLY B 170 -11.39 -19.19 -13.42
C GLY B 170 -10.61 -18.07 -12.74
N LYS B 171 -11.23 -16.90 -12.73
CA LYS B 171 -10.70 -15.72 -12.07
C LYS B 171 -11.04 -15.75 -10.57
N VAL B 172 -10.00 -15.61 -9.74
CA VAL B 172 -10.15 -15.76 -8.30
C VAL B 172 -9.69 -14.54 -7.53
N TYR B 173 -8.44 -14.11 -7.75
CA TYR B 173 -7.95 -12.94 -7.05
C TYR B 173 -7.35 -11.85 -7.95
N THR B 174 -7.13 -10.69 -7.35
CA THR B 174 -6.69 -9.49 -8.07
C THR B 174 -5.87 -8.59 -7.16
N MET B 175 -5.15 -7.65 -7.74
CA MET B 175 -4.48 -6.65 -6.93
C MET B 175 -5.44 -5.59 -6.43
N VAL B 176 -5.18 -5.15 -5.20
CA VAL B 176 -5.97 -4.10 -4.57
C VAL B 176 -5.72 -2.77 -5.28
N ALA B 177 -6.75 -1.96 -5.45
CA ALA B 177 -6.57 -0.66 -6.09
C ALA B 177 -5.71 0.26 -5.22
N GLN B 178 -4.73 0.91 -5.83
CA GLN B 178 -3.89 1.88 -5.13
C GLN B 178 -3.78 3.15 -5.98
N PRO B 179 -4.09 4.32 -5.38
CA PRO B 179 -4.38 4.52 -3.95
C PRO B 179 -5.86 4.41 -3.60
N GLY B 180 -6.69 3.94 -4.52
CA GLY B 180 -8.13 3.94 -4.33
C GLY B 180 -8.69 3.10 -3.19
N HIS B 181 -8.04 1.98 -2.89
CA HIS B 181 -8.49 1.06 -1.84
C HIS B 181 -7.46 1.11 -0.70
N VAL B 182 -6.19 0.97 -1.04
CA VAL B 182 -5.11 1.08 -0.05
C VAL B 182 -4.17 2.24 -0.38
N ARG B 183 -3.90 3.08 0.61
CA ARG B 183 -3.07 4.26 0.43
C ARG B 183 -2.07 4.33 1.56
N GLU B 184 -0.91 4.93 1.32
CA GLU B 184 0.08 5.04 2.39
C GLU B 184 -0.07 6.32 3.23
N ILE B 185 0.42 6.26 4.47
CA ILE B 185 0.32 7.38 5.40
C ILE B 185 1.63 7.48 6.18
N ASN B 186 2.08 8.71 6.42
CA ASN B 186 3.28 8.95 7.21
C ASN B 186 2.92 9.01 8.70
N SER B 187 2.67 7.86 9.31
CA SER B 187 2.31 7.80 10.72
C SER B 187 2.98 6.60 11.38
N LYS B 188 3.18 6.69 12.69
CA LYS B 188 3.87 5.67 13.48
C LYS B 188 3.13 4.34 13.51
N LEU B 189 3.87 3.26 13.24
CA LEU B 189 3.33 1.91 13.33
C LEU B 189 3.78 1.22 14.62
N GLN B 190 2.83 0.65 15.35
CA GLN B 190 3.16 -0.11 16.56
C GLN B 190 3.33 -1.60 16.22
N VAL B 191 4.46 -2.16 16.62
CA VAL B 191 4.73 -3.57 16.34
C VAL B 191 4.65 -4.42 17.62
N VAL B 192 3.79 -5.44 17.61
CA VAL B 192 3.68 -6.36 18.72
C VAL B 192 4.03 -7.79 18.30
N ASP B 193 5.07 -8.36 18.90
CA ASP B 193 5.47 -9.73 18.61
C ASP B 193 4.99 -10.60 19.77
N LEU B 194 4.00 -11.44 19.50
CA LEU B 194 3.42 -12.30 20.51
C LEU B 194 4.11 -13.65 20.61
N ARG B 195 5.13 -13.88 19.78
CA ARG B 195 5.83 -15.16 19.80
C ARG B 195 6.68 -15.31 21.06
N VAL B 196 7.33 -16.46 21.21
CA VAL B 196 8.17 -16.74 22.39
C VAL B 196 9.28 -15.70 22.60
N THR C 9 -20.30 7.65 33.55
CA THR C 9 -21.06 8.56 34.40
C THR C 9 -20.48 9.97 34.39
N PHE C 10 -19.18 10.10 34.17
CA PHE C 10 -18.60 11.41 33.89
C PHE C 10 -19.16 11.89 32.54
N LYS C 11 -19.46 13.19 32.43
CA LYS C 11 -20.10 13.71 31.22
C LYS C 11 -19.10 14.22 30.18
N ILE C 12 -19.62 14.64 29.04
CA ILE C 12 -18.81 15.22 27.97
C ILE C 12 -18.80 16.76 28.07
N HIS C 13 -17.62 17.37 28.06
CA HIS C 13 -17.52 18.83 28.21
C HIS C 13 -16.66 19.48 27.13
N ALA C 14 -16.27 18.70 26.13
CA ALA C 14 -15.64 19.25 24.95
C ALA C 14 -16.05 18.46 23.71
N TYR C 15 -15.88 19.07 22.55
CA TYR C 15 -16.31 18.47 21.31
C TYR C 15 -15.27 18.73 20.24
N THR C 16 -15.16 17.80 19.30
CA THR C 16 -14.32 18.00 18.14
C THR C 16 -14.99 19.07 17.30
N GLU C 17 -14.21 19.77 16.48
CA GLU C 17 -14.71 20.75 15.53
C GLU C 17 -15.89 20.24 14.69
N GLY C 18 -16.09 18.91 14.69
CA GLY C 18 -17.16 18.29 13.92
C GLY C 18 -18.27 17.68 14.75
N GLY C 19 -18.32 18.01 16.04
CA GLY C 19 -19.44 17.61 16.87
C GLY C 19 -19.33 16.24 17.52
N LYS C 20 -18.13 15.66 17.48
CA LYS C 20 -17.91 14.40 18.16
C LYS C 20 -17.39 14.68 19.57
N PRO C 21 -17.95 13.97 20.56
CA PRO C 21 -17.62 14.09 21.98
C PRO C 21 -16.18 13.70 22.28
N LEU C 22 -15.51 14.53 23.07
CA LEU C 22 -14.20 14.20 23.62
C LEU C 22 -14.38 13.91 25.10
N ARG C 23 -14.04 12.69 25.51
CA ARG C 23 -14.10 12.33 26.93
C ARG C 23 -13.04 13.12 27.70
N THR C 24 -13.28 13.35 28.99
CA THR C 24 -12.35 14.15 29.79
C THR C 24 -11.06 13.36 30.10
N ILE C 25 -9.93 14.04 30.05
CA ILE C 25 -8.68 13.48 30.56
C ILE C 25 -8.28 14.22 31.83
N TYR C 26 -8.19 13.46 32.93
CA TYR C 26 -7.74 14.02 34.20
C TYR C 26 -6.21 13.94 34.31
N LEU C 27 -5.57 15.11 34.42
CA LEU C 27 -4.12 15.24 34.42
C LEU C 27 -3.63 15.65 35.79
N PRO C 28 -2.77 14.83 36.43
CA PRO C 28 -2.18 15.20 37.73
C PRO C 28 -1.52 16.56 37.65
N LYS C 29 -1.85 17.46 38.57
CA LYS C 29 -1.41 18.85 38.45
C LYS C 29 0.11 19.00 38.51
N LEU C 30 0.78 18.06 39.15
CA LEU C 30 2.23 18.18 39.28
C LEU C 30 3.02 17.54 38.13
N LEU C 31 2.33 16.91 37.18
CA LEU C 31 3.00 16.18 36.10
C LEU C 31 4.00 17.01 35.28
N LYS C 32 3.59 18.20 34.84
CA LYS C 32 4.45 19.05 34.02
C LYS C 32 5.74 19.41 34.76
N LYS C 33 5.55 19.89 35.99
CA LYS C 33 6.66 20.28 36.85
C LYS C 33 7.58 19.08 37.11
N VAL C 34 6.97 17.94 37.42
CA VAL C 34 7.73 16.72 37.66
C VAL C 34 8.56 16.34 36.42
N PHE C 35 7.90 16.30 35.27
CA PHE C 35 8.54 15.93 34.00
C PHE C 35 9.79 16.77 33.71
N LEU C 36 9.64 18.09 33.85
CA LEU C 36 10.74 19.03 33.62
C LEU C 36 11.97 18.72 34.47
N ASP C 37 11.74 18.31 35.71
CA ASP C 37 12.84 18.05 36.63
C ASP C 37 13.56 16.73 36.34
N VAL C 38 12.83 15.75 35.81
CA VAL C 38 13.44 14.46 35.46
C VAL C 38 14.26 14.54 34.17
N VAL C 39 14.04 15.59 33.38
CA VAL C 39 14.77 15.76 32.12
C VAL C 39 15.68 16.99 32.13
N LYS C 40 15.82 17.59 33.31
CA LYS C 40 16.65 18.78 33.47
C LYS C 40 18.09 18.63 32.93
N PRO C 41 18.72 17.46 33.10
CA PRO C 41 19.98 17.21 32.39
C PRO C 41 19.93 17.54 30.89
N ASN C 42 19.14 16.79 30.12
CA ASN C 42 19.00 17.02 28.68
C ASN C 42 18.64 18.48 28.31
N THR C 43 17.73 19.07 29.08
CA THR C 43 17.31 20.46 28.86
C THR C 43 18.50 21.42 28.88
N LYS C 44 19.32 21.31 29.92
CA LYS C 44 20.51 22.14 30.07
C LYS C 44 21.50 21.90 28.92
N LYS C 45 21.52 20.68 28.40
CA LYS C 45 22.34 20.32 27.23
C LYS C 45 21.71 20.73 25.91
N ASN C 46 20.57 21.41 25.99
CA ASN C 46 19.74 21.73 24.81
C ASN C 46 19.34 20.50 23.99
N LEU C 47 18.83 19.49 24.68
CA LEU C 47 18.30 18.30 24.01
C LEU C 47 16.84 18.10 24.39
N GLU C 48 16.01 17.77 23.41
CA GLU C 48 14.62 17.44 23.70
C GLU C 48 14.55 16.17 24.52
N THR C 49 13.48 16.00 25.29
CA THR C 49 13.20 14.73 25.93
C THR C 49 11.70 14.50 25.83
N CYS C 50 11.28 13.24 25.68
CA CYS C 50 9.86 12.95 25.60
C CYS C 50 9.39 12.04 26.73
N GLY C 51 8.09 12.10 27.00
CA GLY C 51 7.48 11.23 27.99
C GLY C 51 6.17 10.72 27.46
N ILE C 52 5.78 9.52 27.88
CA ILE C 52 4.49 8.97 27.49
C ILE C 52 3.49 9.16 28.65
N LEU C 53 2.27 9.56 28.32
CA LEU C 53 1.22 9.69 29.33
C LEU C 53 0.35 8.44 29.34
N CYS C 54 0.36 7.69 30.45
CA CYS C 54 -0.35 6.43 30.52
C CYS C 54 -1.39 6.43 31.62
N GLY C 55 -2.46 5.66 31.46
CA GLY C 55 -3.49 5.65 32.47
C GLY C 55 -4.63 4.68 32.25
N LYS C 56 -5.81 5.05 32.75
CA LYS C 56 -6.93 4.13 32.81
C LYS C 56 -8.20 4.79 32.34
N LEU C 57 -9.11 3.99 31.77
CA LEU C 57 -10.45 4.45 31.44
C LEU C 57 -11.41 4.04 32.57
N ARG C 58 -12.11 5.02 33.15
CA ARG C 58 -13.04 4.77 34.26
C ARG C 58 -14.29 5.61 34.07
N GLN C 59 -15.44 4.95 33.91
CA GLN C 59 -16.72 5.64 33.89
C GLN C 59 -16.77 6.80 32.90
N ASN C 60 -16.25 6.56 31.69
CA ASN C 60 -16.27 7.51 30.59
C ASN C 60 -15.32 8.71 30.76
N ALA C 61 -14.30 8.53 31.59
CA ALA C 61 -13.23 9.50 31.71
C ALA C 61 -11.86 8.82 31.83
N PHE C 62 -10.82 9.48 31.30
CA PHE C 62 -9.47 8.95 31.39
C PHE C 62 -8.70 9.59 32.51
N PHE C 63 -7.83 8.80 33.14
CA PHE C 63 -7.03 9.24 34.26
C PHE C 63 -5.57 8.94 33.97
N ILE C 64 -4.75 9.97 33.83
CA ILE C 64 -3.30 9.75 33.71
C ILE C 64 -2.75 9.34 35.09
N THR C 65 -2.06 8.20 35.14
CA THR C 65 -1.58 7.66 36.41
C THR C 65 -0.07 7.51 36.40
N HIS C 66 0.48 7.42 35.19
CA HIS C 66 1.91 7.22 35.03
C HIS C 66 2.54 8.14 33.99
N LEU C 67 3.73 8.65 34.29
CA LEU C 67 4.54 9.38 33.32
C LEU C 67 5.76 8.50 33.02
N VAL C 68 5.83 7.96 31.81
CA VAL C 68 6.90 7.01 31.48
C VAL C 68 7.94 7.64 30.57
N ILE C 69 9.20 7.64 31.00
CA ILE C 69 10.31 8.11 30.18
C ILE C 69 10.89 6.89 29.45
N PRO C 70 10.66 6.81 28.14
CA PRO C 70 10.98 5.61 27.36
C PRO C 70 12.42 5.62 26.87
N LEU C 71 12.86 4.49 26.31
CA LEU C 71 14.16 4.45 25.65
C LEU C 71 14.07 5.32 24.41
N GLN C 72 14.84 6.40 24.40
CA GLN C 72 14.70 7.43 23.37
C GLN C 72 16.03 8.02 22.91
N GLU C 73 16.01 8.55 21.69
CA GLU C 73 17.16 9.24 21.12
C GLU C 73 16.87 10.74 21.07
N ALA C 74 17.87 11.54 21.41
CA ALA C 74 17.65 12.98 21.54
C ALA C 74 18.52 13.82 20.62
N THR C 75 17.89 14.80 19.98
CA THR C 75 18.61 15.86 19.27
C THR C 75 18.08 17.18 19.81
N SER C 76 18.71 18.29 19.41
CA SER C 76 18.32 19.61 19.89
C SER C 76 16.92 20.04 19.47
N ASP C 77 16.34 19.40 18.45
CA ASP C 77 14.99 19.76 18.04
C ASP C 77 14.09 18.58 17.64
N THR C 78 14.53 17.36 17.96
CA THR C 78 13.66 16.19 17.87
C THR C 78 13.95 15.25 19.03
N CYS C 79 13.02 14.33 19.25
CA CYS C 79 13.25 13.20 20.12
C CYS C 79 12.33 12.12 19.63
N GLY C 80 12.66 10.87 19.93
CA GLY C 80 11.90 9.75 19.44
C GLY C 80 12.31 8.53 20.22
N THR C 81 11.35 7.67 20.49
CA THR C 81 11.62 6.44 21.22
C THR C 81 12.49 5.52 20.37
N THR C 82 13.52 4.93 20.97
CA THR C 82 14.38 4.00 20.24
C THR C 82 13.80 2.58 20.25
N ASP C 83 14.13 1.77 21.24
CA ASP C 83 13.48 0.46 21.39
C ASP C 83 12.30 0.53 22.37
N GLU C 84 11.17 -0.04 21.96
CA GLU C 84 9.90 0.17 22.63
C GLU C 84 9.22 -1.11 23.11
N ALA C 85 9.95 -2.22 23.09
CA ALA C 85 9.46 -3.43 23.74
C ALA C 85 9.53 -3.15 25.24
N SER C 86 10.50 -2.33 25.61
CA SER C 86 10.66 -1.81 26.97
C SER C 86 9.37 -1.13 27.44
N LEU C 87 8.81 -0.31 26.55
CA LEU C 87 7.62 0.50 26.84
C LEU C 87 6.34 -0.31 26.77
N PHE C 88 6.18 -1.11 25.72
CA PHE C 88 4.99 -1.93 25.54
C PHE C 88 4.82 -2.96 26.67
N GLU C 89 5.92 -3.58 27.06
CA GLU C 89 5.89 -4.57 28.13
C GLU C 89 5.37 -3.92 29.41
N PHE C 90 5.97 -2.79 29.78
CA PHE C 90 5.56 -2.08 30.99
C PHE C 90 4.10 -1.67 30.97
N GLN C 91 3.66 -1.10 29.85
CA GLN C 91 2.26 -0.70 29.70
C GLN C 91 1.34 -1.90 29.76
N ASP C 92 1.84 -3.05 29.30
CA ASP C 92 1.02 -4.26 29.28
C ASP C 92 0.92 -4.92 30.65
N LYS C 93 1.96 -4.80 31.45
CA LYS C 93 1.98 -5.42 32.77
C LYS C 93 1.06 -4.71 33.75
N HIS C 94 0.77 -3.44 33.49
CA HIS C 94 -0.07 -2.66 34.39
C HIS C 94 -1.43 -2.31 33.80
N ASN C 95 -1.74 -2.88 32.64
CA ASN C 95 -2.98 -2.56 31.92
C ASN C 95 -3.15 -1.06 31.71
N LEU C 96 -2.08 -0.42 31.24
CA LEU C 96 -2.10 1.03 31.02
C LEU C 96 -2.38 1.36 29.55
N LEU C 97 -3.27 2.34 29.33
CA LEU C 97 -3.51 2.86 28.00
C LEU C 97 -2.55 4.01 27.74
N THR C 98 -2.33 4.30 26.46
CA THR C 98 -1.56 5.47 26.06
C THR C 98 -2.54 6.62 25.84
N LEU C 99 -2.38 7.71 26.59
CA LEU C 99 -3.33 8.83 26.56
C LEU C 99 -2.77 10.05 25.84
N GLY C 100 -1.46 10.03 25.58
CA GLY C 100 -0.79 11.16 24.98
C GLY C 100 0.69 11.12 25.27
N TRP C 101 1.38 12.24 25.03
CA TRP C 101 2.81 12.33 25.25
C TRP C 101 3.20 13.75 25.59
N ILE C 102 4.37 13.91 26.22
CA ILE C 102 4.89 15.22 26.60
C ILE C 102 6.34 15.31 26.11
N HIS C 103 6.75 16.50 25.65
CA HIS C 103 8.14 16.70 25.27
C HIS C 103 8.60 18.14 25.46
N THR C 104 9.92 18.34 25.52
CA THR C 104 10.49 19.67 25.74
C THR C 104 10.90 20.38 24.43
N HIS C 105 10.83 21.71 24.46
CA HIS C 105 11.56 22.55 23.52
C HIS C 105 12.46 23.39 24.42
N PRO C 106 13.68 22.91 24.69
CA PRO C 106 14.58 23.53 25.66
C PRO C 106 14.74 25.04 25.47
N THR C 107 14.93 25.49 24.23
CA THR C 107 15.27 26.88 23.93
C THR C 107 14.22 27.64 23.12
N GLN C 108 13.43 26.92 22.34
CA GLN C 108 12.51 27.55 21.39
C GLN C 108 11.13 27.83 21.98
N THR C 109 10.23 28.38 21.16
CA THR C 109 8.89 28.71 21.61
C THR C 109 7.98 27.48 21.69
N CYS C 110 6.75 27.70 22.14
CA CYS C 110 5.80 26.62 22.35
C CYS C 110 4.88 26.44 21.14
N PHE C 111 5.05 25.33 20.44
CA PHE C 111 4.27 25.05 19.22
C PHE C 111 4.43 23.58 18.90
N MET C 112 3.67 23.12 17.91
CA MET C 112 3.84 21.76 17.40
C MET C 112 4.61 21.80 16.07
N SER C 113 5.79 21.19 16.03
CA SER C 113 6.59 21.18 14.81
C SER C 113 5.93 20.24 13.78
N SER C 114 6.46 20.25 12.56
CA SER C 114 6.00 19.34 11.52
C SER C 114 6.17 17.89 11.98
N VAL C 115 7.31 17.61 12.62
CA VAL C 115 7.57 16.28 13.15
C VAL C 115 6.55 15.97 14.24
N ASP C 116 6.40 16.90 15.20
CA ASP C 116 5.45 16.74 16.31
C ASP C 116 4.04 16.44 15.79
N LEU C 117 3.66 17.04 14.67
CA LEU C 117 2.32 16.85 14.15
C LEU C 117 2.10 15.46 13.55
N HIS C 118 3.11 14.94 12.87
CA HIS C 118 3.00 13.59 12.32
C HIS C 118 3.04 12.54 13.44
N THR C 119 3.87 12.80 14.44
CA THR C 119 3.93 11.95 15.63
C THR C 119 2.53 11.84 16.23
N HIS C 120 1.92 12.99 16.51
CA HIS C 120 0.64 12.99 17.22
C HIS C 120 -0.50 12.37 16.42
N CYS C 121 -0.40 12.42 15.10
CA CYS C 121 -1.39 11.78 14.24
C CYS C 121 -1.66 10.33 14.69
N SER C 122 -0.58 9.58 14.97
CA SER C 122 -0.69 8.21 15.45
C SER C 122 -1.54 8.13 16.73
N TYR C 123 -1.16 8.95 17.71
CA TYR C 123 -1.86 8.98 19.00
C TYR C 123 -3.35 9.26 18.84
N GLN C 124 -3.67 10.27 18.03
CA GLN C 124 -5.05 10.72 17.89
C GLN C 124 -5.94 9.79 17.06
N LEU C 125 -5.32 9.02 16.15
CA LEU C 125 -6.07 8.00 15.43
C LEU C 125 -6.44 6.87 16.40
N MET C 126 -5.49 6.52 17.26
CA MET C 126 -5.71 5.46 18.25
C MET C 126 -6.75 5.92 19.28
N LEU C 127 -6.56 7.13 19.79
CA LEU C 127 -7.45 7.73 20.79
C LEU C 127 -7.81 9.15 20.41
N PRO C 128 -9.09 9.40 20.08
CA PRO C 128 -9.49 10.74 19.61
C PRO C 128 -9.19 11.81 20.63
N GLU C 129 -9.15 11.42 21.90
CA GLU C 129 -8.89 12.34 23.01
C GLU C 129 -7.41 12.61 23.28
N ALA C 130 -6.53 11.86 22.61
CA ALA C 130 -5.08 11.96 22.83
C ALA C 130 -4.51 13.40 22.76
N ILE C 131 -3.66 13.74 23.72
CA ILE C 131 -3.12 15.09 23.84
C ILE C 131 -1.61 15.13 23.67
N ALA C 132 -1.10 16.28 23.23
CA ALA C 132 0.35 16.49 23.12
C ALA C 132 0.76 17.66 24.01
N ILE C 133 1.44 17.38 25.11
CA ILE C 133 1.91 18.45 25.98
C ILE C 133 3.30 18.91 25.54
N VAL C 134 3.48 20.22 25.38
CA VAL C 134 4.77 20.77 24.96
C VAL C 134 5.27 21.79 25.97
N MET C 135 6.44 21.54 26.53
CA MET C 135 7.04 22.44 27.51
C MET C 135 8.10 23.31 26.84
N ALA C 136 8.01 24.61 27.05
CA ALA C 136 9.04 25.54 26.56
C ALA C 136 9.58 26.35 27.74
N PRO C 137 10.53 25.77 28.49
CA PRO C 137 11.00 26.34 29.75
C PRO C 137 11.70 27.70 29.62
N SER C 138 12.44 27.94 28.55
CA SER C 138 13.20 29.18 28.39
C SER C 138 12.28 30.39 28.16
N LYS C 139 11.02 30.12 27.86
CA LYS C 139 10.04 31.18 27.67
C LYS C 139 8.98 31.04 28.77
N ASN C 140 9.24 30.10 29.68
CA ASN C 140 8.34 29.77 30.80
C ASN C 140 6.88 29.64 30.39
N THR C 141 6.62 28.74 29.46
CA THR C 141 5.26 28.49 29.03
C THR C 141 5.10 27.02 28.63
N SER C 142 3.87 26.63 28.36
CA SER C 142 3.55 25.25 28.01
C SER C 142 2.19 25.23 27.35
N GLY C 143 1.90 24.15 26.65
CA GLY C 143 0.64 24.05 25.97
C GLY C 143 0.28 22.60 25.90
N ILE C 144 -1.01 22.34 25.78
CA ILE C 144 -1.51 21.00 25.57
C ILE C 144 -2.26 21.07 24.25
N PHE C 145 -1.78 20.35 23.25
CA PHE C 145 -2.34 20.44 21.90
C PHE C 145 -3.07 19.19 21.42
N ARG C 146 -3.95 19.36 20.44
CA ARG C 146 -4.46 18.24 19.67
C ARG C 146 -4.58 18.69 18.22
N LEU C 147 -4.91 17.76 17.34
CA LEU C 147 -5.17 18.10 15.96
C LEU C 147 -6.63 18.52 15.87
N LEU C 148 -6.91 19.52 15.04
CA LEU C 148 -8.30 19.82 14.72
C LEU C 148 -8.92 18.55 14.11
N ASP C 149 -10.13 18.23 14.54
CA ASP C 149 -10.80 17.02 14.13
C ASP C 149 -12.16 17.45 13.58
N PRO C 150 -12.48 17.07 12.33
CA PRO C 150 -11.72 16.22 11.40
C PRO C 150 -10.67 16.91 10.54
N GLU C 151 -10.78 18.22 10.34
CA GLU C 151 -10.01 18.90 9.28
C GLU C 151 -8.48 18.83 9.43
N GLY C 152 -7.98 18.99 10.66
CA GLY C 152 -6.55 18.94 10.90
C GLY C 152 -5.98 17.54 10.77
N LEU C 153 -6.76 16.56 11.21
CA LEU C 153 -6.41 15.16 11.05
C LEU C 153 -6.18 14.82 9.58
N GLN C 154 -7.16 15.19 8.77
CA GLN C 154 -7.15 14.85 7.35
C GLN C 154 -5.96 15.44 6.60
N THR C 155 -5.54 16.65 6.99
CA THR C 155 -4.35 17.25 6.39
C THR C 155 -3.12 16.38 6.65
N ILE C 156 -2.95 15.93 7.90
CA ILE C 156 -1.76 15.17 8.25
C ILE C 156 -1.80 13.78 7.61
N VAL C 157 -2.99 13.17 7.66
CA VAL C 157 -3.22 11.86 7.06
C VAL C 157 -2.86 11.86 5.56
N LYS C 158 -3.24 12.93 4.85
CA LYS C 158 -3.09 13.00 3.41
C LYS C 158 -1.76 13.58 2.94
N CYS C 159 -0.99 14.14 3.87
CA CYS C 159 0.28 14.74 3.52
C CYS C 159 1.24 13.67 3.00
N ARG C 160 1.80 13.93 1.81
CA ARG C 160 2.74 12.99 1.20
C ARG C 160 4.13 13.60 1.10
N LYS C 161 4.30 14.79 1.67
CA LYS C 161 5.56 15.52 1.59
C LYS C 161 6.69 14.75 2.26
N PRO C 162 7.86 14.72 1.60
CA PRO C 162 8.99 13.90 2.04
C PRO C 162 9.87 14.59 3.07
N GLY C 163 9.81 15.91 3.15
CA GLY C 163 10.74 16.65 4.01
C GLY C 163 10.53 16.45 5.49
N LEU C 164 11.59 16.15 6.23
CA LEU C 164 11.49 16.31 7.67
C LEU C 164 11.54 17.82 7.86
N PHE C 165 10.62 18.34 8.68
CA PHE C 165 10.41 19.77 8.86
C PHE C 165 9.87 20.46 7.61
N HIS C 166 9.23 19.68 6.75
CA HIS C 166 8.48 20.26 5.64
C HIS C 166 7.28 20.98 6.25
N PRO C 167 6.81 22.04 5.59
CA PRO C 167 5.68 22.79 6.15
C PRO C 167 4.39 22.07 5.92
N HIS C 168 3.37 22.44 6.69
CA HIS C 168 2.00 22.10 6.37
C HIS C 168 1.23 23.39 6.24
N GLU C 169 0.19 23.38 5.43
CA GLU C 169 -0.54 24.61 5.16
C GLU C 169 -1.85 24.68 5.94
N GLY C 170 -2.07 25.81 6.61
CA GLY C 170 -3.35 26.09 7.23
C GLY C 170 -3.44 25.87 8.74
N LYS C 171 -4.67 25.78 9.22
CA LYS C 171 -4.97 25.59 10.64
C LYS C 171 -4.97 24.10 11.00
N VAL C 172 -3.80 23.58 11.36
CA VAL C 172 -3.62 22.14 11.57
C VAL C 172 -3.92 21.69 13.01
N TYR C 173 -3.47 22.49 13.98
CA TYR C 173 -3.66 22.14 15.39
C TYR C 173 -4.17 23.29 16.27
N THR C 174 -4.45 22.97 17.53
CA THR C 174 -4.93 23.99 18.47
C THR C 174 -4.64 23.55 19.90
N MET C 175 -4.64 24.50 20.83
CA MET C 175 -4.56 24.14 22.25
C MET C 175 -5.88 23.52 22.66
N VAL C 176 -5.82 22.54 23.55
CA VAL C 176 -7.03 21.86 24.00
C VAL C 176 -7.84 22.77 24.93
N ALA C 177 -9.13 22.46 25.05
CA ALA C 177 -10.00 23.14 25.99
C ALA C 177 -9.68 22.69 27.42
N GLN C 178 -9.51 23.64 28.33
CA GLN C 178 -9.37 23.36 29.75
C GLN C 178 -10.38 24.26 30.46
N PRO C 179 -11.21 23.68 31.34
CA PRO C 179 -11.22 22.28 31.80
C PRO C 179 -12.03 21.32 30.94
N GLY C 180 -12.57 21.78 29.81
CA GLY C 180 -13.48 20.95 29.03
C GLY C 180 -12.96 19.61 28.56
N HIS C 181 -11.72 19.59 28.09
CA HIS C 181 -11.10 18.38 27.58
C HIS C 181 -10.12 17.83 28.63
N VAL C 182 -9.15 18.65 29.01
CA VAL C 182 -8.19 18.28 30.04
C VAL C 182 -8.45 19.06 31.33
N ARG C 183 -8.63 18.33 32.43
CA ARG C 183 -8.85 18.94 33.74
C ARG C 183 -7.75 18.51 34.71
N GLU C 184 -7.11 19.46 35.36
CA GLU C 184 -6.08 19.10 36.34
C GLU C 184 -6.72 18.64 37.65
N ILE C 185 -6.12 17.64 38.30
CA ILE C 185 -6.52 17.25 39.67
C ILE C 185 -5.30 16.94 40.54
N ASN C 186 -5.52 16.93 41.85
CA ASN C 186 -4.48 16.64 42.83
C ASN C 186 -4.30 15.15 43.07
N SER C 187 -4.14 14.38 42.00
CA SER C 187 -3.95 12.94 42.14
C SER C 187 -2.47 12.57 42.16
N LYS C 188 -2.19 11.33 42.55
CA LYS C 188 -0.82 10.84 42.58
C LYS C 188 -0.32 10.52 41.19
N LEU C 189 0.99 10.61 41.00
CA LEU C 189 1.60 10.30 39.72
C LEU C 189 2.81 9.42 39.93
N GLN C 190 2.85 8.29 39.24
CA GLN C 190 4.02 7.43 39.25
C GLN C 190 4.91 7.76 38.05
N VAL C 191 6.13 8.23 38.33
CA VAL C 191 7.09 8.53 37.28
C VAL C 191 8.01 7.33 37.08
N VAL C 192 8.04 6.82 35.85
CA VAL C 192 8.82 5.62 35.52
C VAL C 192 9.82 5.91 34.41
N ASP C 193 11.10 5.86 34.72
CA ASP C 193 12.14 6.15 33.75
C ASP C 193 12.76 4.84 33.22
N LEU C 194 12.56 4.56 31.93
CA LEU C 194 13.10 3.34 31.33
C LEU C 194 14.48 3.55 30.69
N ARG C 195 14.98 4.80 30.72
CA ARG C 195 16.28 5.13 30.14
C ARG C 195 17.43 4.36 30.80
#